data_5G68
#
_entry.id   5G68
#
_cell.length_a   80.350
_cell.length_b   94.990
_cell.length_c   62.914
_cell.angle_alpha   90.00
_cell.angle_beta   90.00
_cell.angle_gamma   90.00
#
_symmetry.space_group_name_H-M   'P 21 21 2'
#
loop_
_entity.id
_entity.type
_entity.pdbx_description
1 polymer 'NITRIC OXIDE SYNTHASE OXYGENASE'
2 non-polymer 'PROTOPORPHYRIN IX CONTAINING FE'
3 non-polymer 5,6,7,8-TETRAHYDROBIOPTERIN
4 non-polymer 'CHLORIDE ION'
5 non-polymer 7-({[3-(3-fluorophenyl)propyl]amino}methyl)quinolin-2-amine
6 non-polymer 2-[BIS-(2-HYDROXY-ETHYL)-AMINO]-2-HYDROXYMETHYL-PROPANE-1,3-DIOL
7 non-polymer GLYCEROL
8 non-polymer DI(HYDROXYETHYL)ETHER
9 non-polymer N-PROPANOL
10 water water
#
_entity_poly.entity_id   1
_entity_poly.type   'polypeptide(L)'
_entity_poly.pdbx_seq_one_letter_code
;MEEKEILWNEAKAFIAACYQELGKAAEVKDRLADIKSEIDLTGSYVHTKEELEHGAKMAWRNSNRCIGRLFWNSLNVIDR
RDVRTKEEVRDALFHHIETATNNGKIRPTITIFPPEEKGEKQVEIWNHQLIRYAGYESDGERIGDPASCSLTAACEELGW
RGERTDFDLLPLIFRMKGDEQPVWYELPRSLVIEVPITHPDIEAFSDLELKWYGVPIISDMKLEVGGIHYNAAPFNGWYM
GTEIGARNLADEKRYDKLKKVASVIGIAADYNTDLWKDQALVELNKAVLHSYKKQGVSIVDHHTAASQFKRFEEQAEEAG
RKLTGDWTWLIPPISPAATHIFHRSYDNSIVKPNYFYQDKPYE
;
_entity_poly.pdbx_strand_id   A
#
# COMPACT_ATOMS: atom_id res chain seq x y z
N GLU A 2 -23.87 17.05 -14.38
CA GLU A 2 -23.67 16.57 -13.01
C GLU A 2 -22.18 16.46 -12.63
N GLU A 3 -21.37 15.89 -13.53
CA GLU A 3 -19.93 15.71 -13.32
C GLU A 3 -19.25 16.97 -12.77
N LYS A 4 -19.52 18.10 -13.43
CA LYS A 4 -18.88 19.36 -13.09
C LYS A 4 -19.30 19.85 -11.71
N GLU A 5 -20.59 19.66 -11.41
CA GLU A 5 -21.13 20.08 -10.13
C GLU A 5 -20.52 19.25 -9.01
N ILE A 6 -20.41 17.94 -9.24
CA ILE A 6 -19.75 17.06 -8.31
C ILE A 6 -18.32 17.56 -8.06
N LEU A 7 -17.64 17.95 -9.12
CA LEU A 7 -16.23 18.34 -9.02
C LEU A 7 -16.12 19.61 -8.18
N TRP A 8 -16.95 20.58 -8.51
CA TRP A 8 -16.98 21.88 -7.84
C TRP A 8 -17.29 21.73 -6.34
N ASN A 9 -18.23 20.87 -6.00
CA ASN A 9 -18.58 20.67 -4.60
C ASN A 9 -17.43 20.06 -3.81
N GLU A 10 -16.77 19.08 -4.41
CA GLU A 10 -15.63 18.42 -3.77
C GLU A 10 -14.51 19.43 -3.64
N ALA A 11 -14.36 20.27 -4.65
CA ALA A 11 -13.27 21.24 -4.67
C ALA A 11 -13.48 22.28 -3.57
N LYS A 12 -14.70 22.78 -3.45
CA LYS A 12 -15.03 23.72 -2.39
C LYS A 12 -14.77 23.16 -1.00
N ALA A 13 -15.11 21.89 -0.77
CA ALA A 13 -14.90 21.32 0.55
C ALA A 13 -13.41 21.13 0.83
N PHE A 14 -12.69 20.60 -0.17
CA PHE A 14 -11.27 20.31 0.01
C PHE A 14 -10.48 21.60 0.24
N ILE A 15 -10.67 22.61 -0.60
CA ILE A 15 -9.86 23.82 -0.53
C ILE A 15 -10.07 24.51 0.82
N ALA A 16 -11.32 24.59 1.25
CA ALA A 16 -11.64 25.18 2.55
C ALA A 16 -10.88 24.48 3.67
N ALA A 17 -10.97 23.15 3.72
CA ALA A 17 -10.33 22.35 4.77
C ALA A 17 -8.81 22.43 4.69
N CYS A 18 -8.28 22.27 3.48
CA CYS A 18 -6.84 22.24 3.26
C CYS A 18 -6.20 23.58 3.67
N TYR A 19 -6.78 24.68 3.19
CA TYR A 19 -6.23 26.00 3.46
C TYR A 19 -6.40 26.37 4.92
N GLN A 20 -7.45 25.84 5.56
CA GLN A 20 -7.66 26.05 6.98
C GLN A 20 -6.50 25.40 7.75
N GLU A 21 -6.17 24.17 7.35
CA GLU A 21 -5.11 23.39 8.02
C GLU A 21 -3.74 24.02 7.76
N LEU A 22 -3.59 24.66 6.60
CA LEU A 22 -2.33 25.31 6.26
C LEU A 22 -2.22 26.77 6.73
N GLY A 23 -3.18 27.25 7.52
CA GLY A 23 -3.20 28.65 7.94
C GLY A 23 -3.43 29.66 6.82
N LYS A 24 -4.05 29.22 5.74
CA LYS A 24 -4.24 30.05 4.55
C LYS A 24 -5.73 30.37 4.31
N ALA A 25 -6.49 30.47 5.39
CA ALA A 25 -7.93 30.66 5.29
C ALA A 25 -8.33 31.86 4.44
N ALA A 26 -7.51 32.91 4.46
CA ALA A 26 -7.83 34.17 3.78
C ALA A 26 -7.70 34.08 2.27
N GLU A 27 -7.03 33.03 1.80
CA GLU A 27 -6.75 32.87 0.38
C GLU A 27 -7.83 32.04 -0.29
N VAL A 28 -8.72 31.48 0.52
CA VAL A 28 -9.70 30.53 0.02
C VAL A 28 -10.64 31.15 -1.05
N LYS A 29 -11.23 32.30 -0.70
CA LYS A 29 -12.18 32.97 -1.60
C LYS A 29 -11.60 33.14 -3.00
N ASP A 30 -10.43 33.77 -3.09
CA ASP A 30 -9.76 33.97 -4.36
C ASP A 30 -9.38 32.67 -5.10
N ARG A 31 -8.93 31.68 -4.35
CA ARG A 31 -8.55 30.42 -4.98
C ARG A 31 -9.79 29.72 -5.55
N LEU A 32 -10.86 29.74 -4.78
CA LEU A 32 -12.10 29.13 -5.22
C LEU A 32 -12.61 29.78 -6.50
N ALA A 33 -12.48 31.11 -6.60
CA ALA A 33 -12.92 31.84 -7.77
C ALA A 33 -12.17 31.33 -8.99
N ASP A 34 -10.85 31.23 -8.85
CA ASP A 34 -9.96 30.77 -9.90
C ASP A 34 -10.35 29.37 -10.37
N ILE A 35 -10.58 28.49 -9.39
CA ILE A 35 -10.94 27.10 -9.66
C ILE A 35 -12.28 27.03 -10.41
N LYS A 36 -13.24 27.82 -9.96
CA LYS A 36 -14.55 27.87 -10.60
C LYS A 36 -14.50 28.31 -12.08
N SER A 37 -13.66 29.30 -12.40
CA SER A 37 -13.51 29.72 -13.79
C SER A 37 -12.85 28.60 -14.58
N GLU A 38 -11.87 27.98 -13.93
CA GLU A 38 -11.07 26.96 -14.58
C GLU A 38 -11.95 25.74 -14.89
N ILE A 39 -12.86 25.41 -13.97
CA ILE A 39 -13.77 24.28 -14.20
C ILE A 39 -14.71 24.62 -15.38
N ASP A 40 -15.31 25.82 -15.35
CA ASP A 40 -16.13 26.32 -16.45
C ASP A 40 -15.48 26.17 -17.83
N LEU A 41 -14.24 26.64 -17.93
CA LEU A 41 -13.61 26.79 -19.21
C LEU A 41 -12.86 25.55 -19.70
N THR A 42 -12.43 24.70 -18.77
CA THR A 42 -11.61 23.54 -19.12
C THR A 42 -12.23 22.20 -18.74
N GLY A 43 -13.20 22.24 -17.84
CA GLY A 43 -13.82 21.02 -17.36
C GLY A 43 -13.12 20.43 -16.16
N SER A 44 -11.99 21.01 -15.78
CA SER A 44 -11.29 20.53 -14.60
C SER A 44 -10.53 21.64 -13.91
N TYR A 45 -9.72 21.28 -12.91
CA TYR A 45 -8.75 22.23 -12.35
C TYR A 45 -7.46 21.53 -11.93
N VAL A 46 -6.39 22.30 -11.82
CA VAL A 46 -5.08 21.74 -11.49
C VAL A 46 -4.73 22.15 -10.06
N HIS A 47 -4.30 21.20 -9.25
CA HIS A 47 -3.90 21.49 -7.86
C HIS A 47 -2.56 22.20 -7.85
N THR A 48 -2.40 23.15 -6.94
CA THR A 48 -1.09 23.69 -6.63
C THR A 48 -0.24 22.57 -6.00
N LYS A 49 1.08 22.74 -5.94
CA LYS A 49 1.93 21.70 -5.35
C LYS A 49 1.60 21.50 -3.87
N GLU A 50 1.35 22.62 -3.19
CA GLU A 50 0.96 22.59 -1.79
C GLU A 50 -0.36 21.83 -1.57
N GLU A 51 -1.33 22.11 -2.42
CA GLU A 51 -2.60 21.40 -2.35
C GLU A 51 -2.40 19.91 -2.54
N LEU A 52 -1.59 19.55 -3.52
CA LEU A 52 -1.42 18.14 -3.85
C LEU A 52 -0.73 17.40 -2.71
N GLU A 53 0.31 18.02 -2.18
CA GLU A 53 1.04 17.42 -1.06
C GLU A 53 0.13 17.22 0.16
N HIS A 54 -0.54 18.30 0.55
CA HIS A 54 -1.38 18.21 1.74
C HIS A 54 -2.56 17.26 1.50
N GLY A 55 -3.08 17.24 0.26
CA GLY A 55 -4.21 16.35 -0.05
C GLY A 55 -3.83 14.88 0.07
N ALA A 56 -2.62 14.53 -0.36
CA ALA A 56 -2.18 13.13 -0.23
C ALA A 56 -1.96 12.75 1.22
N LYS A 57 -1.52 13.72 2.04
CA LYS A 57 -1.38 13.50 3.48
C LYS A 57 -2.73 13.34 4.17
N MET A 58 -3.69 14.19 3.79
CA MET A 58 -5.05 14.07 4.34
C MET A 58 -5.64 12.74 3.97
N ALA A 59 -5.40 12.30 2.74
CA ALA A 59 -5.95 11.02 2.30
C ALA A 59 -5.44 9.85 3.15
N TRP A 60 -4.17 9.90 3.53
CA TRP A 60 -3.64 8.87 4.41
C TRP A 60 -4.30 8.97 5.80
N ARG A 61 -4.32 10.20 6.32
CA ARG A 61 -4.96 10.46 7.62
C ARG A 61 -6.41 9.95 7.69
N ASN A 62 -7.10 9.95 6.56
CA ASN A 62 -8.51 9.54 6.51
C ASN A 62 -8.71 8.06 6.17
N SER A 63 -7.62 7.31 6.03
CA SER A 63 -7.74 5.89 5.62
C SER A 63 -8.12 5.05 6.83
N ASN A 64 -9.41 4.78 6.94
CA ASN A 64 -9.98 4.10 8.12
C ASN A 64 -9.31 2.78 8.46
N ARG A 65 -8.81 2.08 7.45
CA ARG A 65 -8.26 0.74 7.70
C ARG A 65 -6.80 0.74 8.14
N CYS A 66 -6.16 1.92 8.17
CA CYS A 66 -4.72 2.00 8.38
C CYS A 66 -4.35 2.30 9.86
N ILE A 67 -3.59 1.36 10.46
CA ILE A 67 -3.11 1.51 11.85
C ILE A 67 -1.87 2.43 11.91
N GLY A 68 -1.32 2.78 10.73
CA GLY A 68 -0.04 3.47 10.68
C GLY A 68 -0.18 4.98 10.59
N ARG A 69 -1.39 5.48 10.81
CA ARG A 69 -1.65 6.89 10.49
C ARG A 69 -0.98 7.96 11.35
N LEU A 70 -0.38 7.62 12.50
CA LEU A 70 0.28 8.62 13.32
C LEU A 70 1.22 9.49 12.47
N PHE A 71 1.81 8.85 11.45
CA PHE A 71 2.89 9.49 10.68
C PHE A 71 2.45 10.19 9.42
N TRP A 72 1.14 10.45 9.31
CA TRP A 72 0.52 10.97 8.08
C TRP A 72 1.16 12.27 7.59
N ASN A 73 1.61 13.13 8.49
CA ASN A 73 2.13 14.42 8.07
C ASN A 73 3.56 14.36 7.55
N SER A 74 4.21 13.20 7.64
CA SER A 74 5.59 13.12 7.14
C SER A 74 5.72 12.38 5.81
N LEU A 75 4.58 12.10 5.19
CA LEU A 75 4.57 11.55 3.83
C LEU A 75 5.44 12.38 2.88
N ASN A 76 6.34 11.71 2.15
CA ASN A 76 7.15 12.37 1.12
C ASN A 76 6.37 12.31 -0.19
N VAL A 77 5.91 13.46 -0.67
CA VAL A 77 5.06 13.49 -1.89
C VAL A 77 5.88 13.89 -3.11
N ILE A 78 5.99 12.97 -4.06
CA ILE A 78 6.71 13.25 -5.31
C ILE A 78 5.71 13.58 -6.40
N ASP A 79 5.79 14.81 -6.92
CA ASP A 79 4.82 15.26 -7.92
C ASP A 79 5.30 14.94 -9.35
N ARG A 80 4.70 13.91 -9.95
CA ARG A 80 5.05 13.50 -11.32
C ARG A 80 3.92 13.70 -12.33
N ARG A 81 3.18 14.81 -12.18
CA ARG A 81 2.11 15.14 -13.10
C ARG A 81 2.68 15.58 -14.45
N ASP A 82 4.01 15.74 -14.50
CA ASP A 82 4.70 16.16 -15.72
C ASP A 82 5.02 14.98 -16.67
N VAL A 83 4.84 13.73 -16.24
CA VAL A 83 5.20 12.62 -17.13
C VAL A 83 4.27 12.46 -18.31
N ARG A 84 4.87 12.14 -19.46
CA ARG A 84 4.11 11.95 -20.70
C ARG A 84 4.44 10.67 -21.44
N THR A 85 5.57 10.04 -21.09
CA THR A 85 6.05 8.88 -21.84
C THR A 85 6.21 7.66 -20.93
N LYS A 86 6.24 6.49 -21.56
CA LYS A 86 6.37 5.26 -20.79
C LYS A 86 7.75 5.14 -20.15
N GLU A 87 8.78 5.67 -20.81
CA GLU A 87 10.10 5.68 -20.15
C GLU A 87 10.09 6.54 -18.90
N GLU A 88 9.46 7.71 -18.97
CA GLU A 88 9.31 8.57 -17.78
C GLU A 88 8.55 7.88 -16.66
N VAL A 89 7.47 7.16 -17.00
CA VAL A 89 6.73 6.42 -15.96
C VAL A 89 7.61 5.36 -15.31
N ARG A 90 8.27 4.56 -16.17
CA ARG A 90 9.12 3.48 -15.69
C ARG A 90 10.20 4.03 -14.76
N ASP A 91 10.83 5.12 -15.19
CA ASP A 91 11.94 5.68 -14.43
C ASP A 91 11.44 6.27 -13.12
N ALA A 92 10.21 6.81 -13.13
CA ALA A 92 9.62 7.35 -11.88
C ALA A 92 9.31 6.24 -10.88
N LEU A 93 8.87 5.10 -11.41
CA LEU A 93 8.58 3.94 -10.54
C LEU A 93 9.90 3.37 -9.99
N PHE A 94 10.92 3.27 -10.84
CA PHE A 94 12.23 2.84 -10.37
C PHE A 94 12.72 3.81 -9.28
N HIS A 95 12.60 5.12 -9.52
CA HIS A 95 13.02 6.12 -8.54
C HIS A 95 12.24 5.97 -7.23
N HIS A 96 10.94 5.73 -7.33
CA HIS A 96 10.16 5.59 -6.13
C HIS A 96 10.72 4.42 -5.31
N ILE A 97 11.00 3.30 -5.98
CA ILE A 97 11.52 2.15 -5.25
C ILE A 97 12.81 2.50 -4.52
N GLU A 98 13.71 3.22 -5.21
CA GLU A 98 15.02 3.53 -4.65
C GLU A 98 14.86 4.51 -3.47
N THR A 99 14.04 5.55 -3.64
CA THR A 99 14.01 6.60 -2.60
C THR A 99 13.18 6.14 -1.39
N ALA A 100 12.15 5.35 -1.65
CA ALA A 100 11.34 4.83 -0.56
C ALA A 100 12.14 3.81 0.23
N THR A 101 12.89 2.96 -0.48
CA THR A 101 13.71 1.92 0.18
C THR A 101 14.76 2.58 1.09
N ASN A 102 15.47 3.56 0.55
CA ASN A 102 16.42 4.34 1.34
C ASN A 102 17.38 3.45 2.10
N ASN A 103 17.93 2.46 1.42
CA ASN A 103 18.90 1.56 2.06
C ASN A 103 18.33 0.78 3.23
N GLY A 104 17.01 0.68 3.31
CA GLY A 104 16.35 -0.11 4.34
C GLY A 104 15.65 0.77 5.38
N LYS A 105 16.07 2.03 5.50
CA LYS A 105 15.43 2.93 6.47
C LYS A 105 14.25 3.57 5.70
N ILE A 106 13.16 2.81 5.60
CA ILE A 106 12.10 3.09 4.62
C ILE A 106 11.48 4.46 4.85
N ARG A 107 11.30 5.21 3.74
CA ARG A 107 10.66 6.54 3.78
C ARG A 107 9.26 6.40 3.21
N PRO A 108 8.21 6.74 3.99
CA PRO A 108 6.85 6.75 3.44
C PRO A 108 6.79 7.72 2.29
N THR A 109 6.37 7.27 1.10
CA THR A 109 6.50 8.08 -0.12
C THR A 109 5.27 7.82 -0.99
N ILE A 110 4.83 8.84 -1.74
CA ILE A 110 3.84 8.59 -2.78
C ILE A 110 4.31 9.32 -4.03
N THR A 111 4.18 8.68 -5.20
CA THR A 111 4.53 9.33 -6.46
C THR A 111 3.20 9.56 -7.17
N ILE A 112 2.91 10.81 -7.54
CA ILE A 112 1.60 11.09 -8.13
C ILE A 112 1.73 11.40 -9.60
N PHE A 113 1.06 10.58 -10.43
CA PHE A 113 1.08 10.75 -11.87
C PHE A 113 -0.11 11.61 -12.33
N PRO A 114 -0.17 11.98 -13.62
CA PRO A 114 -1.30 12.79 -14.08
C PRO A 114 -2.65 12.12 -13.77
N PRO A 115 -3.64 12.93 -13.39
CA PRO A 115 -4.94 12.37 -13.00
C PRO A 115 -5.84 12.08 -14.21
N GLU A 116 -6.93 11.33 -13.99
CA GLU A 116 -7.92 11.09 -15.05
C GLU A 116 -8.42 12.41 -15.56
N GLU A 117 -8.77 12.46 -16.82
CA GLU A 117 -9.34 13.68 -17.37
C GLU A 117 -10.85 13.61 -17.47
N LYS A 118 -11.33 12.93 -18.51
CA LYS A 118 -12.77 12.78 -18.63
C LYS A 118 -13.17 11.44 -18.03
N GLY A 119 -12.54 11.06 -16.92
CA GLY A 119 -12.58 9.68 -16.46
C GLY A 119 -11.60 8.86 -17.28
N GLU A 120 -10.91 9.52 -18.21
CA GLU A 120 -9.89 8.90 -19.06
C GLU A 120 -8.53 8.87 -18.35
N LYS A 121 -8.04 7.67 -18.05
CA LYS A 121 -6.76 7.52 -17.40
C LYS A 121 -5.59 7.95 -18.31
N GLN A 122 -4.58 8.60 -17.73
CA GLN A 122 -3.41 8.95 -18.54
C GLN A 122 -2.39 7.82 -18.47
N VAL A 123 -2.28 7.27 -17.27
CA VAL A 123 -1.37 6.18 -16.95
C VAL A 123 -2.20 5.20 -16.12
N GLU A 124 -2.15 3.91 -16.48
CA GLU A 124 -2.90 2.87 -15.76
C GLU A 124 -1.92 1.79 -15.27
N ILE A 125 -1.73 1.68 -13.96
CA ILE A 125 -0.71 0.76 -13.45
C ILE A 125 -1.42 -0.56 -13.17
N TRP A 126 -0.89 -1.67 -13.70
CA TRP A 126 -1.53 -2.98 -13.51
C TRP A 126 -1.06 -3.70 -12.24
N ASN A 127 0.16 -3.42 -11.80
CA ASN A 127 0.66 -4.05 -10.56
C ASN A 127 -0.20 -3.74 -9.35
N HIS A 128 -0.38 -4.73 -8.46
CA HIS A 128 -1.02 -4.44 -7.17
C HIS A 128 0.01 -3.74 -6.28
N GLN A 129 1.25 -4.24 -6.24
CA GLN A 129 2.37 -3.54 -5.58
C GLN A 129 3.53 -3.53 -6.56
N LEU A 130 4.42 -2.53 -6.44
CA LEU A 130 5.45 -2.41 -7.46
C LEU A 130 6.37 -3.62 -7.34
N ILE A 131 6.54 -4.13 -6.12
CA ILE A 131 7.38 -5.29 -5.89
C ILE A 131 6.46 -6.38 -5.35
N ARG A 132 6.34 -7.52 -6.06
CA ARG A 132 5.37 -8.53 -5.62
C ARG A 132 5.75 -9.82 -6.36
N TYR A 133 5.41 -10.97 -5.78
CA TYR A 133 5.79 -12.25 -6.37
C TYR A 133 4.69 -12.82 -7.24
N ALA A 134 5.11 -13.50 -8.30
CA ALA A 134 4.23 -14.18 -9.23
C ALA A 134 3.56 -15.38 -8.61
N GLY A 135 2.47 -15.79 -9.24
CA GLY A 135 1.77 -17.01 -8.80
C GLY A 135 1.35 -17.81 -10.01
N TYR A 136 1.43 -19.15 -9.89
CA TYR A 136 1.10 -20.03 -10.99
C TYR A 136 0.24 -21.20 -10.46
N GLU A 137 -0.70 -21.67 -11.29
CA GLU A 137 -1.58 -22.76 -10.92
C GLU A 137 -1.90 -23.46 -12.20
N SER A 138 -1.43 -24.69 -12.32
CA SER A 138 -1.73 -25.48 -13.52
C SER A 138 -1.43 -26.94 -13.24
N ASP A 139 -2.29 -27.81 -13.75
CA ASP A 139 -2.06 -29.24 -13.67
C ASP A 139 -1.85 -29.61 -12.20
N GLY A 140 -2.75 -29.11 -11.34
CA GLY A 140 -2.67 -29.35 -9.91
C GLY A 140 -1.52 -28.65 -9.20
N GLU A 141 -0.56 -28.16 -9.99
CA GLU A 141 0.70 -27.65 -9.47
C GLU A 141 0.59 -26.18 -9.08
N ARG A 142 0.88 -25.86 -7.82
CA ARG A 142 0.82 -24.48 -7.35
C ARG A 142 2.18 -23.92 -6.96
N ILE A 143 2.55 -22.79 -7.57
CA ILE A 143 3.86 -22.21 -7.34
C ILE A 143 3.68 -20.75 -7.04
N GLY A 144 4.40 -20.26 -6.04
CA GLY A 144 4.43 -18.83 -5.79
C GLY A 144 3.22 -18.31 -5.03
N ASP A 145 2.85 -17.06 -5.29
CA ASP A 145 1.79 -16.36 -4.55
C ASP A 145 0.44 -16.46 -5.27
N PRO A 146 -0.51 -17.27 -4.75
CA PRO A 146 -1.78 -17.43 -5.47
C PRO A 146 -2.48 -16.07 -5.70
N ALA A 147 -2.22 -15.07 -4.86
CA ALA A 147 -2.93 -13.80 -4.97
C ALA A 147 -2.50 -13.15 -6.29
N SER A 148 -1.37 -13.59 -6.84
CA SER A 148 -0.88 -12.98 -8.09
C SER A 148 -1.17 -13.76 -9.34
N CYS A 149 -1.96 -14.83 -9.26
CA CYS A 149 -2.16 -15.66 -10.43
C CYS A 149 -2.73 -14.94 -11.66
N SER A 150 -3.75 -14.10 -11.47
CA SER A 150 -4.38 -13.50 -12.66
C SER A 150 -3.43 -12.49 -13.30
N LEU A 151 -2.74 -11.70 -12.47
CA LEU A 151 -1.79 -10.71 -13.05
C LEU A 151 -0.61 -11.41 -13.71
N THR A 152 -0.12 -12.50 -13.09
CA THR A 152 0.95 -13.30 -13.68
C THR A 152 0.54 -13.83 -15.03
N ALA A 153 -0.66 -14.42 -15.13
CA ALA A 153 -1.14 -14.88 -16.40
C ALA A 153 -1.19 -13.77 -17.44
N ALA A 154 -1.60 -12.57 -17.02
CA ALA A 154 -1.71 -11.46 -17.95
C ALA A 154 -0.33 -11.04 -18.45
N CYS A 155 0.65 -11.05 -17.54
CA CYS A 155 2.03 -10.72 -17.94
C CYS A 155 2.54 -11.76 -18.92
N GLU A 156 2.27 -13.03 -18.65
CA GLU A 156 2.79 -14.04 -19.55
C GLU A 156 2.13 -14.00 -20.93
N GLU A 157 0.90 -13.50 -20.98
CA GLU A 157 0.23 -13.30 -22.28
C GLU A 157 1.02 -12.29 -23.10
N LEU A 158 1.68 -11.39 -22.39
CA LEU A 158 2.36 -10.26 -23.01
C LEU A 158 3.85 -10.51 -23.25
N GLY A 159 4.27 -11.77 -23.11
CA GLY A 159 5.64 -12.13 -23.48
C GLY A 159 6.62 -12.24 -22.31
N TRP A 160 6.20 -11.88 -21.10
CA TRP A 160 7.02 -12.08 -19.92
C TRP A 160 6.98 -13.55 -19.55
N ARG A 161 8.10 -14.05 -19.04
CA ARG A 161 8.17 -15.43 -18.55
C ARG A 161 8.96 -15.43 -17.26
N GLY A 162 8.38 -16.04 -16.24
CA GLY A 162 9.01 -16.15 -14.93
C GLY A 162 9.78 -17.45 -14.80
N GLU A 163 10.73 -17.46 -13.86
CA GLU A 163 11.55 -18.65 -13.61
C GLU A 163 10.79 -19.78 -12.89
N ARG A 164 9.60 -19.44 -12.43
CA ARG A 164 8.77 -20.40 -11.69
C ARG A 164 9.40 -20.87 -10.39
N THR A 165 10.10 -19.95 -9.72
CA THR A 165 10.36 -20.17 -8.30
C THR A 165 9.12 -19.75 -7.52
N ASP A 166 9.12 -19.95 -6.20
CA ASP A 166 7.99 -19.48 -5.42
C ASP A 166 8.04 -17.97 -5.17
N PHE A 167 9.12 -17.31 -5.61
CA PHE A 167 9.33 -15.88 -5.35
C PHE A 167 9.82 -15.17 -6.59
N ASP A 168 9.17 -15.38 -7.73
CA ASP A 168 9.59 -14.62 -8.92
C ASP A 168 9.12 -13.17 -8.80
N LEU A 169 9.99 -12.19 -9.03
CA LEU A 169 9.50 -10.79 -9.05
C LEU A 169 8.72 -10.52 -10.35
N LEU A 170 7.48 -10.04 -10.22
CA LEU A 170 6.71 -9.65 -11.42
C LEU A 170 7.38 -8.42 -12.02
N PRO A 171 7.25 -8.23 -13.32
CA PRO A 171 7.74 -7.02 -13.96
C PRO A 171 6.79 -5.86 -13.61
N LEU A 172 7.29 -4.61 -13.70
CA LEU A 172 6.39 -3.46 -13.70
C LEU A 172 5.54 -3.60 -14.96
N ILE A 173 4.24 -3.33 -14.84
CA ILE A 173 3.37 -3.42 -16.01
C ILE A 173 2.31 -2.31 -15.95
N PHE A 174 2.26 -1.47 -16.98
CA PHE A 174 1.33 -0.34 -16.97
C PHE A 174 1.00 0.03 -18.40
N ARG A 175 -0.14 0.70 -18.57
CA ARG A 175 -0.58 1.12 -19.90
C ARG A 175 -0.69 2.65 -19.97
N MET A 176 -0.31 3.20 -21.12
CA MET A 176 -0.42 4.64 -21.41
C MET A 176 -1.71 4.92 -22.17
N LYS A 177 -2.28 6.10 -21.94
CA LYS A 177 -3.42 6.56 -22.73
C LYS A 177 -3.04 6.44 -24.20
N GLY A 178 -3.90 5.82 -25.00
CA GLY A 178 -3.66 5.82 -26.42
C GLY A 178 -3.04 4.54 -26.91
N ASP A 179 -2.45 3.76 -25.99
CA ASP A 179 -1.94 2.43 -26.31
C ASP A 179 -3.00 1.39 -25.99
N GLU A 180 -3.13 0.35 -26.82
CA GLU A 180 -4.09 -0.72 -26.56
C GLU A 180 -3.57 -1.69 -25.49
N GLN A 181 -2.27 -1.97 -25.51
CA GLN A 181 -1.67 -2.91 -24.56
C GLN A 181 -0.74 -2.23 -23.57
N PRO A 182 -0.62 -2.79 -22.35
CA PRO A 182 0.37 -2.23 -21.42
C PRO A 182 1.77 -2.63 -21.90
N VAL A 183 2.80 -1.99 -21.36
CA VAL A 183 4.17 -2.42 -21.59
C VAL A 183 4.65 -2.98 -20.24
N TRP A 184 5.66 -3.84 -20.30
CA TRP A 184 6.24 -4.35 -19.07
C TRP A 184 7.77 -4.23 -19.02
N TYR A 185 8.29 -4.11 -17.79
CA TYR A 185 9.75 -3.97 -17.64
C TYR A 185 10.19 -4.82 -16.45
N GLU A 186 11.23 -5.64 -16.64
CA GLU A 186 11.74 -6.45 -15.52
C GLU A 186 12.33 -5.48 -14.47
N LEU A 187 12.11 -5.79 -13.19
CA LEU A 187 12.70 -5.00 -12.10
C LEU A 187 14.19 -5.27 -12.00
N PRO A 188 15.01 -4.21 -11.98
CA PRO A 188 16.45 -4.44 -11.75
C PRO A 188 16.66 -4.98 -10.34
N ARG A 189 17.37 -6.10 -10.21
CA ARG A 189 17.53 -6.68 -8.89
C ARG A 189 18.30 -5.75 -7.93
N SER A 190 19.14 -4.88 -8.48
CA SER A 190 19.84 -3.89 -7.64
C SER A 190 18.91 -2.95 -6.86
N LEU A 191 17.66 -2.79 -7.29
CA LEU A 191 16.71 -1.88 -6.65
C LEU A 191 15.88 -2.58 -5.55
N VAL A 192 15.90 -3.91 -5.53
CA VAL A 192 14.97 -4.67 -4.70
C VAL A 192 15.65 -5.30 -3.50
N ILE A 193 15.35 -4.81 -2.30
CA ILE A 193 15.84 -5.49 -1.10
C ILE A 193 14.87 -6.63 -0.70
N GLU A 194 15.45 -7.79 -0.41
CA GLU A 194 14.65 -8.90 0.13
C GLU A 194 15.28 -9.35 1.44
N VAL A 195 14.43 -9.93 2.28
CA VAL A 195 14.85 -10.36 3.61
C VAL A 195 14.67 -11.87 3.74
N PRO A 196 15.78 -12.62 3.95
CA PRO A 196 15.61 -14.05 4.23
C PRO A 196 15.01 -14.21 5.62
N ILE A 197 14.06 -15.14 5.81
CA ILE A 197 13.41 -15.28 7.11
C ILE A 197 14.16 -16.32 7.94
N THR A 198 14.73 -15.87 9.07
CA THR A 198 15.36 -16.79 10.01
C THR A 198 14.74 -16.53 11.37
N HIS A 199 15.00 -17.40 12.32
CA HIS A 199 14.36 -17.30 13.64
C HIS A 199 15.46 -17.01 14.64
N PRO A 200 15.16 -16.20 15.66
CA PRO A 200 16.23 -15.81 16.59
C PRO A 200 16.87 -16.99 17.34
N ASP A 201 16.16 -18.11 17.52
CA ASP A 201 16.84 -19.19 18.25
C ASP A 201 16.60 -20.61 17.75
N ILE A 202 15.79 -20.75 16.69
CA ILE A 202 15.55 -22.06 16.09
C ILE A 202 16.30 -22.08 14.78
N GLU A 203 17.42 -22.78 14.74
CA GLU A 203 18.32 -22.72 13.60
C GLU A 203 17.69 -23.35 12.36
N ALA A 204 16.88 -24.38 12.56
CA ALA A 204 16.27 -25.06 11.45
C ALA A 204 15.32 -24.18 10.65
N PHE A 205 14.90 -23.04 11.20
CA PHE A 205 13.90 -22.23 10.54
C PHE A 205 14.35 -21.83 9.13
N SER A 206 15.65 -21.65 8.92
CA SER A 206 16.12 -21.34 7.59
C SER A 206 15.91 -22.46 6.55
N ASP A 207 15.63 -23.69 7.01
CA ASP A 207 15.38 -24.83 6.12
C ASP A 207 14.12 -24.60 5.29
N LEU A 208 13.22 -23.75 5.80
CA LEU A 208 12.00 -23.41 5.08
C LEU A 208 12.26 -22.54 3.86
N GLU A 209 13.46 -21.97 3.78
CA GLU A 209 13.82 -21.09 2.66
C GLU A 209 12.77 -20.00 2.35
N LEU A 210 12.24 -19.36 3.39
CA LEU A 210 11.26 -18.29 3.19
C LEU A 210 12.01 -16.98 3.05
N LYS A 211 11.42 -16.05 2.32
CA LYS A 211 11.95 -14.68 2.22
C LYS A 211 10.76 -13.79 1.93
N TRP A 212 10.91 -12.47 2.04
CA TRP A 212 9.86 -11.58 1.59
C TRP A 212 10.56 -10.30 1.15
N TYR A 213 9.85 -9.44 0.43
CA TYR A 213 10.51 -8.23 -0.06
C TYR A 213 10.39 -7.12 0.98
N GLY A 214 11.32 -6.16 0.92
CA GLY A 214 11.38 -5.20 2.03
C GLY A 214 10.28 -4.17 2.05
N VAL A 215 9.86 -3.69 0.88
CA VAL A 215 9.00 -2.51 0.84
C VAL A 215 7.68 -2.76 0.11
N PRO A 216 6.55 -2.64 0.78
CA PRO A 216 5.24 -2.80 0.13
C PRO A 216 4.79 -1.48 -0.51
N ILE A 217 4.76 -1.43 -1.86
CA ILE A 217 4.46 -0.17 -2.57
C ILE A 217 3.17 -0.38 -3.33
N ILE A 218 2.06 0.03 -2.72
CA ILE A 218 0.72 -0.27 -3.25
C ILE A 218 0.46 0.67 -4.45
N SER A 219 0.18 0.08 -5.62
CA SER A 219 0.20 0.84 -6.84
C SER A 219 -1.09 0.74 -7.65
N ASP A 220 -2.16 0.23 -7.06
CA ASP A 220 -3.42 0.12 -7.78
C ASP A 220 -4.61 0.81 -7.08
N MET A 221 -4.36 1.71 -6.11
CA MET A 221 -5.48 2.47 -5.53
C MET A 221 -5.57 3.86 -6.11
N LYS A 222 -6.77 4.41 -6.09
CA LYS A 222 -7.01 5.75 -6.59
C LYS A 222 -6.96 6.77 -5.43
N LEU A 223 -6.14 7.80 -5.58
CA LEU A 223 -6.12 8.91 -4.62
C LEU A 223 -7.11 9.93 -5.12
N GLU A 224 -8.09 10.25 -4.27
CA GLU A 224 -9.04 11.26 -4.67
C GLU A 224 -8.81 12.51 -3.81
N VAL A 225 -8.57 13.65 -4.46
CA VAL A 225 -8.35 14.92 -3.75
C VAL A 225 -9.19 16.01 -4.39
N GLY A 226 -10.13 16.58 -3.63
CA GLY A 226 -10.90 17.71 -4.12
C GLY A 226 -11.57 17.46 -5.48
N GLY A 227 -12.04 16.23 -5.66
CA GLY A 227 -12.75 15.87 -6.87
C GLY A 227 -11.87 15.44 -8.05
N ILE A 228 -10.56 15.49 -7.88
CA ILE A 228 -9.63 15.08 -8.93
C ILE A 228 -9.23 13.64 -8.61
N HIS A 229 -9.24 12.79 -9.64
CA HIS A 229 -9.01 11.35 -9.45
C HIS A 229 -7.62 10.97 -9.92
N TYR A 230 -6.71 10.81 -8.98
CA TYR A 230 -5.38 10.33 -9.33
C TYR A 230 -5.38 8.79 -9.25
N ASN A 231 -5.72 8.14 -10.36
CA ASN A 231 -5.84 6.68 -10.36
C ASN A 231 -4.47 6.04 -10.28
N ALA A 232 -3.44 6.78 -10.68
CA ALA A 232 -2.08 6.25 -10.65
C ALA A 232 -1.25 7.05 -9.65
N ALA A 233 -1.06 6.51 -8.45
CA ALA A 233 -0.36 7.24 -7.40
C ALA A 233 0.19 6.27 -6.38
N PRO A 234 1.21 5.52 -6.76
CA PRO A 234 1.72 4.45 -5.88
C PRO A 234 2.27 5.04 -4.58
N PHE A 235 1.98 4.38 -3.46
CA PHE A 235 2.51 4.84 -2.19
C PHE A 235 3.08 3.69 -1.36
N ASN A 236 3.89 4.03 -0.35
CA ASN A 236 4.31 3.00 0.60
C ASN A 236 4.51 3.58 1.99
N GLY A 237 4.32 2.68 2.98
CA GLY A 237 4.90 2.85 4.30
C GLY A 237 5.90 1.72 4.47
N TRP A 238 5.97 1.18 5.69
CA TRP A 238 6.75 -0.04 5.92
C TRP A 238 5.79 -1.09 6.45
N TYR A 239 6.22 -2.34 6.47
CA TYR A 239 5.32 -3.42 6.91
C TYR A 239 5.04 -3.41 8.40
N MET A 240 3.84 -3.85 8.76
CA MET A 240 3.61 -4.38 10.12
C MET A 240 3.84 -5.88 9.98
N GLY A 241 4.55 -6.48 10.93
CA GLY A 241 5.04 -7.85 10.72
C GLY A 241 3.94 -8.85 10.46
N THR A 242 2.78 -8.65 11.09
CA THR A 242 1.67 -9.60 10.90
C THR A 242 1.20 -9.68 9.44
N GLU A 243 1.40 -8.62 8.66
CA GLU A 243 0.94 -8.69 7.26
C GLU A 243 1.69 -9.81 6.54
N ILE A 244 2.97 -10.00 6.89
CA ILE A 244 3.80 -11.06 6.29
C ILE A 244 3.59 -12.39 7.04
N GLY A 245 3.78 -12.35 8.36
CA GLY A 245 3.83 -13.57 9.14
C GLY A 245 2.48 -14.23 9.44
N ALA A 246 1.43 -13.43 9.50
CA ALA A 246 0.09 -13.95 9.82
C ALA A 246 -0.82 -14.10 8.63
N ARG A 247 -0.43 -13.51 7.49
CA ARG A 247 -1.34 -13.51 6.35
C ARG A 247 -0.61 -13.97 5.09
N ASN A 248 0.36 -13.18 4.60
CA ASN A 248 1.00 -13.56 3.36
C ASN A 248 1.63 -14.97 3.39
N LEU A 249 2.32 -15.30 4.49
CA LEU A 249 3.00 -16.60 4.57
C LEU A 249 2.13 -17.67 5.23
N ALA A 250 1.06 -17.26 5.90
CA ALA A 250 0.22 -18.18 6.69
C ALA A 250 -1.11 -18.56 6.10
N ASP A 251 -1.77 -17.66 5.38
CA ASP A 251 -3.10 -17.99 4.88
C ASP A 251 -3.09 -19.24 4.01
N GLU A 252 -4.14 -20.05 4.13
CA GLU A 252 -4.20 -21.27 3.33
C GLU A 252 -4.27 -20.94 1.85
N LYS A 253 -4.81 -19.76 1.54
CA LYS A 253 -4.95 -19.37 0.13
C LYS A 253 -3.78 -18.49 -0.27
N ARG A 254 -2.77 -18.36 0.59
CA ARG A 254 -1.55 -17.67 0.17
C ARG A 254 -0.39 -18.70 0.21
N TYR A 255 0.71 -18.42 0.93
CA TYR A 255 1.81 -19.38 0.94
C TYR A 255 1.58 -20.59 1.86
N ASP A 256 0.60 -20.48 2.74
CA ASP A 256 0.08 -21.69 3.47
C ASP A 256 1.19 -22.45 4.24
N LYS A 257 2.00 -21.72 5.01
CA LYS A 257 3.22 -22.32 5.58
C LYS A 257 3.09 -22.86 7.00
N LEU A 258 1.92 -22.79 7.64
CA LEU A 258 1.91 -23.13 9.08
C LEU A 258 2.30 -24.60 9.41
N LYS A 259 1.88 -25.58 8.59
CA LYS A 259 2.28 -26.98 8.85
C LYS A 259 3.81 -27.14 8.77
N LYS A 260 4.44 -26.50 7.78
CA LYS A 260 5.88 -26.56 7.64
C LYS A 260 6.58 -25.87 8.81
N VAL A 261 6.01 -24.76 9.28
CA VAL A 261 6.54 -24.04 10.43
C VAL A 261 6.46 -24.95 11.65
N ALA A 262 5.30 -25.54 11.87
CA ALA A 262 5.14 -26.44 13.02
C ALA A 262 6.21 -27.52 12.98
N SER A 263 6.46 -28.11 11.82
CA SER A 263 7.43 -29.16 11.75
C SER A 263 8.84 -28.66 12.11
N VAL A 264 9.25 -27.50 11.60
CA VAL A 264 10.64 -27.04 11.86
C VAL A 264 10.81 -26.54 13.30
N ILE A 265 9.71 -26.11 13.93
CA ILE A 265 9.82 -25.71 15.34
C ILE A 265 9.64 -26.90 16.30
N GLY A 266 9.40 -28.09 15.76
CA GLY A 266 9.42 -29.29 16.58
C GLY A 266 8.15 -29.58 17.35
N ILE A 267 7.01 -29.10 16.84
CA ILE A 267 5.73 -29.42 17.52
C ILE A 267 4.82 -30.22 16.58
N ALA A 268 3.99 -31.10 17.15
CA ALA A 268 3.05 -31.88 16.34
C ALA A 268 1.96 -30.96 15.76
N ALA A 269 1.44 -31.30 14.58
CA ALA A 269 0.38 -30.51 13.97
C ALA A 269 -0.83 -31.39 13.79
N ASP A 270 -1.17 -32.08 14.87
CA ASP A 270 -2.16 -33.16 14.85
C ASP A 270 -3.48 -32.84 15.55
N TYR A 271 -3.44 -32.00 16.60
CA TYR A 271 -4.64 -31.81 17.43
C TYR A 271 -4.96 -30.35 17.57
N ASN A 272 -6.21 -29.95 17.28
CA ASN A 272 -6.57 -28.54 17.44
C ASN A 272 -6.30 -28.06 18.88
N THR A 273 -6.55 -28.93 19.86
CA THR A 273 -6.43 -28.51 21.26
C THR A 273 -4.96 -28.24 21.62
N ASP A 274 -4.02 -28.65 20.78
CA ASP A 274 -2.61 -28.31 21.06
C ASP A 274 -2.29 -26.87 20.67
N LEU A 275 -3.24 -26.20 19.99
CA LEU A 275 -3.03 -24.85 19.50
C LEU A 275 -1.72 -24.74 18.73
N TRP A 276 -1.44 -25.75 17.90
CA TRP A 276 -0.20 -25.69 17.14
C TRP A 276 -0.20 -24.60 16.07
N LYS A 277 -1.38 -24.28 15.53
CA LYS A 277 -1.40 -23.23 14.52
C LYS A 277 -1.07 -21.91 15.19
N ASP A 278 -1.62 -21.73 16.40
CA ASP A 278 -1.37 -20.48 17.13
C ASP A 278 0.11 -20.32 17.49
N GLN A 279 0.70 -21.41 17.97
CA GLN A 279 2.12 -21.45 18.29
C GLN A 279 3.00 -21.22 17.07
N ALA A 280 2.69 -21.89 15.96
CA ALA A 280 3.41 -21.68 14.69
C ALA A 280 3.29 -20.23 14.22
N LEU A 281 2.07 -19.67 14.32
CA LEU A 281 1.90 -18.24 13.99
C LEU A 281 2.77 -17.32 14.82
N VAL A 282 2.86 -17.59 16.11
CA VAL A 282 3.72 -16.73 16.94
C VAL A 282 5.20 -16.83 16.54
N GLU A 283 5.68 -18.05 16.31
CA GLU A 283 7.10 -18.21 15.97
C GLU A 283 7.41 -17.65 14.60
N LEU A 284 6.50 -17.84 13.64
CA LEU A 284 6.70 -17.27 12.29
C LEU A 284 6.69 -15.75 12.36
N ASN A 285 5.83 -15.21 13.21
CA ASN A 285 5.83 -13.74 13.31
C ASN A 285 7.02 -13.18 14.06
N LYS A 286 7.52 -13.95 15.03
CA LYS A 286 8.76 -13.55 15.69
C LYS A 286 9.91 -13.55 14.69
N ALA A 287 9.92 -14.57 13.82
CA ALA A 287 10.99 -14.71 12.84
C ALA A 287 10.97 -13.56 11.86
N VAL A 288 9.78 -13.16 11.41
CA VAL A 288 9.70 -12.11 10.42
C VAL A 288 10.26 -10.80 11.04
N LEU A 289 9.83 -10.47 12.26
CA LEU A 289 10.32 -9.24 12.89
C LEU A 289 11.84 -9.26 13.10
N HIS A 290 12.34 -10.39 13.61
CA HIS A 290 13.76 -10.59 13.83
C HIS A 290 14.57 -10.41 12.53
N SER A 291 14.02 -10.96 11.46
CA SER A 291 14.77 -11.00 10.19
C SER A 291 14.87 -9.62 9.56
N TYR A 292 13.76 -8.88 9.54
CA TYR A 292 13.80 -7.50 9.04
C TYR A 292 14.74 -6.65 9.88
N LYS A 293 14.65 -6.77 11.21
CA LYS A 293 15.53 -5.98 12.06
C LYS A 293 16.99 -6.32 11.78
N LYS A 294 17.28 -7.60 11.65
CA LYS A 294 18.65 -8.05 11.38
C LYS A 294 19.18 -7.50 10.04
N GLN A 295 18.32 -7.39 9.04
CA GLN A 295 18.77 -6.89 7.73
C GLN A 295 18.72 -5.37 7.67
N GLY A 296 18.31 -4.71 8.74
CA GLY A 296 18.24 -3.25 8.71
C GLY A 296 17.15 -2.69 7.81
N VAL A 297 16.05 -3.42 7.72
CA VAL A 297 14.91 -2.97 6.95
C VAL A 297 13.77 -2.65 7.95
N SER A 298 13.23 -1.44 7.84
CA SER A 298 12.13 -0.99 8.71
C SER A 298 10.95 -1.92 8.75
N ILE A 299 10.42 -2.11 9.97
CA ILE A 299 9.23 -2.94 10.16
C ILE A 299 8.68 -2.55 11.54
N VAL A 300 7.39 -2.81 11.79
CA VAL A 300 6.85 -2.51 13.13
C VAL A 300 6.06 -3.75 13.54
N ASP A 301 6.14 -4.07 14.83
CA ASP A 301 5.30 -5.13 15.36
C ASP A 301 3.90 -4.56 15.69
N HIS A 302 2.91 -5.46 15.87
CA HIS A 302 1.54 -4.99 16.04
C HIS A 302 1.30 -4.32 17.39
N HIS A 303 2.07 -4.64 18.41
CA HIS A 303 1.89 -3.96 19.70
C HIS A 303 2.34 -2.52 19.62
N THR A 304 3.54 -2.31 19.04
CA THR A 304 4.09 -0.97 18.90
C THR A 304 3.20 -0.17 17.94
N ALA A 305 2.75 -0.82 16.87
CA ALA A 305 1.87 -0.16 15.92
C ALA A 305 0.57 0.32 16.56
N ALA A 306 -0.06 -0.55 17.38
CA ALA A 306 -1.23 -0.09 18.07
C ALA A 306 -0.96 1.02 19.05
N SER A 307 0.22 1.00 19.70
CA SER A 307 0.55 2.08 20.63
C SER A 307 0.71 3.40 19.89
N GLN A 308 1.31 3.33 18.70
CA GLN A 308 1.44 4.53 17.85
C GLN A 308 0.04 4.97 17.43
N PHE A 309 -0.84 4.00 17.14
CA PHE A 309 -2.19 4.37 16.70
C PHE A 309 -2.97 5.03 17.83
N LYS A 310 -2.75 4.60 19.07
CA LYS A 310 -3.40 5.27 20.19
C LYS A 310 -2.97 6.74 20.23
N ARG A 311 -1.70 7.00 19.94
CA ARG A 311 -1.23 8.39 19.93
C ARG A 311 -1.90 9.15 18.78
N PHE A 312 -2.14 8.47 17.66
CA PHE A 312 -2.86 9.11 16.57
C PHE A 312 -4.26 9.52 17.03
N GLU A 313 -4.92 8.65 17.82
CA GLU A 313 -6.25 8.95 18.33
C GLU A 313 -6.15 10.18 19.22
N GLU A 314 -5.07 10.24 19.99
CA GLU A 314 -4.90 11.33 20.94
C GLU A 314 -4.61 12.64 20.21
N GLN A 315 -3.76 12.56 19.19
CA GLN A 315 -3.39 13.70 18.33
C GLN A 315 -4.64 14.28 17.66
N ALA A 316 -5.53 13.41 17.17
CA ALA A 316 -6.75 13.86 16.50
C ALA A 316 -7.61 14.63 17.46
N GLU A 317 -7.79 14.05 18.64
CA GLU A 317 -8.47 14.75 19.73
C GLU A 317 -7.88 16.13 20.01
N GLU A 318 -6.56 16.19 20.19
CA GLU A 318 -5.88 17.44 20.52
C GLU A 318 -6.10 18.46 19.41
N ALA A 319 -6.11 17.98 18.16
CA ALA A 319 -6.33 18.84 16.99
C ALA A 319 -7.80 19.19 16.76
N GLY A 320 -8.70 18.56 17.52
CA GLY A 320 -10.12 18.82 17.35
C GLY A 320 -10.69 18.20 16.06
N ARG A 321 -10.02 17.18 15.56
CA ARG A 321 -10.46 16.46 14.37
C ARG A 321 -11.18 15.18 14.75
N LYS A 322 -12.29 14.92 14.06
CA LYS A 322 -13.05 13.71 14.27
C LYS A 322 -12.20 12.51 13.84
N LEU A 323 -12.25 11.41 14.59
CA LEU A 323 -11.52 10.21 14.19
C LEU A 323 -12.44 9.20 13.47
N THR A 324 -11.97 8.67 12.34
CA THR A 324 -12.68 7.56 11.69
C THR A 324 -11.77 6.33 11.60
N GLY A 325 -12.39 5.14 11.64
CA GLY A 325 -11.59 3.93 11.58
C GLY A 325 -12.49 2.73 11.29
N ASP A 326 -11.86 1.68 10.77
CA ASP A 326 -12.55 0.41 10.51
C ASP A 326 -12.01 -0.63 11.47
N TRP A 327 -12.75 -0.89 12.56
CA TRP A 327 -12.29 -1.80 13.60
C TRP A 327 -11.88 -3.14 13.02
N THR A 328 -12.66 -3.63 12.05
CA THR A 328 -12.42 -4.98 11.52
C THR A 328 -11.09 -5.11 10.80
N TRP A 329 -10.53 -4.00 10.30
CA TRP A 329 -9.19 -4.00 9.71
C TRP A 329 -8.06 -3.51 10.63
N LEU A 330 -8.40 -2.67 11.61
CA LEU A 330 -7.39 -2.09 12.51
C LEU A 330 -6.91 -3.15 13.51
N ILE A 331 -7.80 -4.03 13.97
CA ILE A 331 -7.30 -5.07 14.89
C ILE A 331 -6.23 -5.96 14.18
N PRO A 332 -5.11 -6.25 14.87
CA PRO A 332 -4.16 -7.17 14.23
C PRO A 332 -4.68 -8.60 14.20
N PRO A 333 -4.19 -9.40 13.25
CA PRO A 333 -4.72 -10.77 13.14
C PRO A 333 -4.04 -11.74 14.11
N ILE A 334 -3.09 -11.27 14.93
CA ILE A 334 -2.73 -12.13 16.05
C ILE A 334 -2.82 -11.31 17.36
N SER A 335 -3.22 -12.00 18.42
CA SER A 335 -3.53 -11.36 19.69
C SER A 335 -4.28 -10.01 19.62
N PRO A 336 -5.38 -9.94 18.87
CA PRO A 336 -6.04 -8.64 18.77
C PRO A 336 -6.52 -8.05 20.09
N ALA A 337 -6.95 -8.89 21.01
CA ALA A 337 -7.42 -8.36 22.27
C ALA A 337 -6.30 -7.90 23.22
N ALA A 338 -5.04 -8.08 22.82
CA ALA A 338 -3.94 -7.52 23.60
C ALA A 338 -3.68 -6.07 23.18
N THR A 339 -4.45 -5.56 22.20
CA THR A 339 -4.28 -4.17 21.77
C THR A 339 -5.48 -3.34 22.21
N HIS A 340 -5.28 -2.02 22.42
CA HIS A 340 -6.40 -1.21 22.87
C HIS A 340 -7.50 -1.11 21.83
N ILE A 341 -7.13 -1.25 20.56
CA ILE A 341 -8.05 -1.14 19.43
C ILE A 341 -9.24 -2.09 19.61
N PHE A 342 -8.95 -3.34 20.01
CA PHE A 342 -10.01 -4.35 20.17
C PHE A 342 -11.11 -3.89 21.12
N HIS A 343 -10.73 -3.08 22.11
CA HIS A 343 -11.58 -2.73 23.23
C HIS A 343 -12.29 -1.40 23.06
N ARG A 344 -12.19 -0.80 21.88
CA ARG A 344 -13.00 0.38 21.63
C ARG A 344 -13.70 0.27 20.27
N SER A 345 -14.55 1.25 19.93
CA SER A 345 -15.20 1.17 18.63
C SER A 345 -14.77 2.37 17.83
N TYR A 346 -15.02 2.31 16.53
CA TYR A 346 -14.58 3.37 15.62
C TYR A 346 -15.70 3.68 14.61
N ASP A 347 -15.82 4.95 14.27
CA ASP A 347 -16.80 5.39 13.28
C ASP A 347 -16.19 5.17 11.90
N ASN A 348 -16.77 4.24 11.14
CA ASN A 348 -16.23 3.86 9.84
C ASN A 348 -16.70 4.79 8.70
N SER A 349 -17.01 6.05 9.00
CA SER A 349 -17.44 6.97 7.93
C SER A 349 -16.30 7.30 6.98
N ILE A 350 -16.66 7.49 5.71
CA ILE A 350 -15.68 7.81 4.67
C ILE A 350 -15.56 9.31 4.52
N VAL A 351 -14.34 9.81 4.71
CA VAL A 351 -14.03 11.24 4.61
C VAL A 351 -13.01 11.37 3.49
N LYS A 352 -13.14 12.39 2.64
CA LYS A 352 -12.16 12.64 1.60
C LYS A 352 -11.33 13.89 1.93
N PRO A 353 -10.11 13.99 1.38
CA PRO A 353 -9.38 13.09 0.45
C PRO A 353 -9.21 11.67 1.00
N ASN A 354 -9.05 10.70 0.12
CA ASN A 354 -8.86 9.32 0.57
C ASN A 354 -8.32 8.46 -0.56
N TYR A 355 -7.93 7.22 -0.21
CA TYR A 355 -7.47 6.20 -1.17
C TYR A 355 -8.58 5.16 -1.35
N PHE A 356 -8.87 4.80 -2.60
CA PHE A 356 -10.00 3.91 -2.90
C PHE A 356 -9.55 2.77 -3.80
N TYR A 357 -10.18 1.62 -3.64
CA TYR A 357 -9.97 0.53 -4.60
C TYR A 357 -10.51 0.94 -5.96
N GLN A 358 -9.98 0.36 -7.02
CA GLN A 358 -10.56 0.55 -8.37
C GLN A 358 -10.50 -0.80 -9.10
N ASP A 359 -11.27 -0.92 -10.18
CA ASP A 359 -11.40 -2.19 -10.89
C ASP A 359 -10.06 -2.59 -11.53
N LYS A 360 -9.72 -3.87 -11.50
CA LYS A 360 -8.51 -4.36 -12.17
C LYS A 360 -8.68 -4.38 -13.68
N PRO A 361 -7.70 -3.82 -14.41
CA PRO A 361 -7.77 -3.83 -15.87
C PRO A 361 -7.57 -5.20 -16.54
N TYR A 362 -6.99 -6.15 -15.81
CA TYR A 362 -6.89 -7.53 -16.27
C TYR A 362 -8.08 -8.19 -15.54
N GLU A 363 -8.31 -9.49 -15.67
CA GLU A 363 -9.51 -10.13 -15.08
C GLU A 363 -10.85 -9.69 -15.72
#